data_4RZP
#
_entry.id   4RZP
#
_cell.length_a   62.718
_cell.length_b   81.256
_cell.length_c   97.222
_cell.angle_alpha   90.000
_cell.angle_beta   90.000
_cell.angle_gamma   90.000
#
_symmetry.space_group_name_H-M   'P 21 21 21'
#
loop_
_entity.id
_entity.type
_entity.pdbx_description
1 polymer 'Engineered Protein OR366'
2 water water
#
_entity_poly.entity_id   1
_entity_poly.type   'polypeptide(L)'
_entity_poly.pdbx_seq_one_letter_code
;MNDLEKLVELLTHDDSKTQQEAARDLAEIASGNASAIKQVIDAGALEKLVELLTHDDSKVQQEAARALANIASGNDEAIK
QVIDAGALEKLVELLTHDDSKVQQEAARALANIASGNDEAIKQVIDAGALEKLVELLTHDDSKVQQEAARALANIASGND
EAIKQVIDAGALEKLVELLTHDDSKVQQEAARALANIASGNTSAIKQVIDAGALEKLQELLTHDDSKVQQEAQRALENIK
SGGWLEHHHHHH
;
_entity_poly.pdbx_strand_id   A,B
#
# COMPACT_ATOMS: atom_id res chain seq x y z
N MET A 1 12.87 -31.03 -7.98
CA MET A 1 12.50 -29.71 -7.50
C MET A 1 11.07 -29.38 -7.90
N ASN A 2 10.17 -29.24 -6.91
CA ASN A 2 8.79 -28.92 -7.21
C ASN A 2 8.59 -27.43 -7.42
N ASP A 3 7.39 -27.09 -7.89
CA ASP A 3 7.06 -25.73 -8.29
C ASP A 3 7.42 -24.67 -7.26
N LEU A 4 7.05 -24.91 -6.01
CA LEU A 4 7.34 -23.95 -4.95
C LEU A 4 8.83 -23.71 -4.79
N GLU A 5 9.61 -24.79 -4.83
CA GLU A 5 11.05 -24.66 -4.58
C GLU A 5 11.80 -24.03 -5.76
N LYS A 6 11.26 -24.17 -6.96
CA LYS A 6 11.89 -23.52 -8.10
C LYS A 6 11.62 -22.02 -8.02
N LEU A 7 10.61 -21.66 -7.25
CA LEU A 7 10.33 -20.25 -7.00
C LEU A 7 11.39 -19.72 -6.09
N VAL A 8 11.60 -20.37 -4.93
CA VAL A 8 12.67 -19.95 -4.04
C VAL A 8 13.98 -19.88 -4.81
N GLU A 9 14.17 -20.81 -5.74
CA GLU A 9 15.31 -20.74 -6.63
C GLU A 9 15.34 -19.37 -7.35
N LEU A 10 14.34 -19.10 -8.17
CA LEU A 10 14.24 -17.83 -8.86
C LEU A 10 14.49 -16.58 -8.01
N LEU A 11 14.27 -16.64 -6.70
CA LEU A 11 14.52 -15.49 -5.83
C LEU A 11 15.98 -15.15 -5.81
N THR A 12 16.81 -16.16 -6.09
CA THR A 12 18.25 -16.03 -5.96
C THR A 12 18.88 -15.39 -7.21
N HIS A 13 18.05 -15.05 -8.19
CA HIS A 13 18.51 -14.43 -9.45
C HIS A 13 18.67 -12.91 -9.33
N ASP A 14 19.56 -12.37 -10.14
CA ASP A 14 19.97 -10.98 -9.99
C ASP A 14 19.07 -10.00 -10.74
N ASP A 15 18.13 -10.52 -11.51
CA ASP A 15 17.22 -9.64 -12.22
C ASP A 15 16.15 -9.11 -11.27
N SER A 16 15.85 -7.81 -11.40
CA SER A 16 14.85 -7.16 -10.56
C SER A 16 13.44 -7.73 -10.78
N LYS A 17 13.03 -7.83 -12.04
CA LYS A 17 11.72 -8.36 -12.35
C LYS A 17 11.64 -9.82 -11.94
N THR A 18 12.77 -10.53 -12.04
CA THR A 18 12.78 -11.93 -11.67
C THR A 18 12.53 -12.10 -10.19
N GLN A 19 13.29 -11.38 -9.37
CA GLN A 19 13.10 -11.42 -7.94
C GLN A 19 11.68 -11.01 -7.59
N GLN A 20 11.28 -9.82 -8.01
CA GLN A 20 9.94 -9.28 -7.75
C GLN A 20 8.84 -10.29 -8.05
N GLU A 21 8.83 -10.84 -9.26
CA GLU A 21 7.73 -11.72 -9.63
C GLU A 21 7.72 -12.98 -8.77
N ALA A 22 8.87 -13.60 -8.56
CA ALA A 22 8.93 -14.77 -7.69
C ALA A 22 8.46 -14.40 -6.30
N ALA A 23 8.97 -13.28 -5.79
CA ALA A 23 8.56 -12.81 -4.47
C ALA A 23 7.06 -12.54 -4.43
N ARG A 24 6.53 -11.95 -5.49
CA ARG A 24 5.12 -11.61 -5.58
C ARG A 24 4.26 -12.86 -5.58
N ASP A 25 4.72 -13.86 -6.33
CA ASP A 25 3.97 -15.09 -6.51
C ASP A 25 3.99 -15.95 -5.27
N LEU A 26 5.05 -15.81 -4.47
CA LEU A 26 5.11 -16.44 -3.17
C LEU A 26 4.18 -15.71 -2.23
N ALA A 27 4.14 -14.38 -2.34
CA ALA A 27 3.25 -13.57 -1.53
C ALA A 27 1.81 -14.05 -1.67
N GLU A 28 1.39 -14.41 -2.87
CA GLU A 28 0.01 -14.81 -3.03
C GLU A 28 -0.22 -16.23 -2.50
N ILE A 29 0.63 -17.18 -2.89
CA ILE A 29 0.45 -18.54 -2.43
C ILE A 29 0.38 -18.58 -0.91
N ALA A 30 1.13 -17.69 -0.27
CA ALA A 30 1.24 -17.69 1.18
C ALA A 30 0.07 -16.98 1.84
N SER A 31 -0.88 -16.53 1.03
CA SER A 31 -2.05 -15.91 1.62
C SER A 31 -3.31 -16.77 1.44
N GLY A 32 -3.15 -18.09 1.54
CA GLY A 32 -4.27 -19.00 1.47
C GLY A 32 -4.33 -19.93 2.66
N ASN A 33 -4.68 -21.19 2.40
CA ASN A 33 -4.80 -22.22 3.44
C ASN A 33 -3.62 -22.25 4.40
N ALA A 34 -3.79 -22.90 5.54
CA ALA A 34 -2.67 -23.10 6.44
C ALA A 34 -1.69 -24.06 5.80
N SER A 35 -2.22 -24.86 4.85
CA SER A 35 -1.47 -25.89 4.18
C SER A 35 -0.51 -25.26 3.17
N ALA A 36 -1.08 -24.44 2.28
CA ALA A 36 -0.28 -23.62 1.39
C ALA A 36 0.87 -22.92 2.13
N ILE A 37 0.60 -22.30 3.28
CA ILE A 37 1.64 -21.60 4.00
C ILE A 37 2.80 -22.53 4.40
N LYS A 38 2.54 -23.73 4.90
CA LYS A 38 3.67 -24.58 5.35
C LYS A 38 4.44 -25.16 4.19
N GLN A 39 3.76 -25.34 3.06
CA GLN A 39 4.41 -25.78 1.84
C GLN A 39 5.49 -24.74 1.45
N VAL A 40 5.14 -23.47 1.62
CA VAL A 40 6.02 -22.36 1.33
C VAL A 40 7.23 -22.38 2.25
N ILE A 41 6.98 -22.63 3.52
CA ILE A 41 8.03 -22.63 4.53
C ILE A 41 9.08 -23.72 4.27
N ASP A 42 8.66 -24.98 4.23
CA ASP A 42 9.61 -26.06 4.08
C ASP A 42 10.28 -26.07 2.69
N ALA A 43 9.70 -25.31 1.75
CA ALA A 43 10.37 -25.08 0.48
C ALA A 43 11.50 -24.05 0.66
N GLY A 44 11.70 -23.59 1.90
CA GLY A 44 12.83 -22.74 2.26
C GLY A 44 12.76 -21.29 1.80
N ALA A 45 11.55 -20.78 1.63
CA ALA A 45 11.32 -19.42 1.16
C ALA A 45 11.92 -18.37 2.09
N LEU A 46 12.02 -18.68 3.38
CA LEU A 46 12.30 -17.65 4.36
C LEU A 46 13.70 -17.07 4.32
N GLU A 47 14.74 -17.89 4.25
CA GLU A 47 16.08 -17.35 4.08
C GLU A 47 16.10 -16.37 2.90
N LYS A 48 15.65 -16.85 1.74
CA LYS A 48 15.70 -16.08 0.50
C LYS A 48 14.87 -14.80 0.55
N LEU A 49 13.66 -14.90 1.08
CA LEU A 49 12.80 -13.73 1.17
C LEU A 49 13.44 -12.66 2.02
N VAL A 50 13.91 -13.03 3.21
CA VAL A 50 14.52 -12.08 4.13
C VAL A 50 15.70 -11.31 3.51
N GLU A 51 16.52 -12.01 2.72
CA GLU A 51 17.66 -11.35 2.11
C GLU A 51 17.27 -10.38 1.01
N LEU A 52 16.14 -10.60 0.36
CA LEU A 52 15.62 -9.62 -0.60
C LEU A 52 15.34 -8.27 0.08
N LEU A 53 15.12 -8.30 1.39
CA LEU A 53 14.80 -7.07 2.10
C LEU A 53 15.99 -6.10 2.14
N THR A 54 17.19 -6.59 1.87
CA THR A 54 18.40 -5.76 1.91
C THR A 54 18.85 -5.27 0.51
N HIS A 55 18.16 -5.70 -0.56
CA HIS A 55 18.45 -5.13 -1.87
C HIS A 55 17.72 -3.80 -1.96
N ASP A 56 18.41 -2.74 -2.42
CA ASP A 56 17.77 -1.42 -2.53
C ASP A 56 16.97 -1.34 -3.83
N ASP A 57 15.84 -2.03 -3.81
CA ASP A 57 14.95 -2.12 -4.96
C ASP A 57 13.53 -2.12 -4.43
N SER A 58 13.00 -0.92 -4.29
CA SER A 58 11.70 -0.67 -3.71
C SER A 58 10.64 -1.75 -4.00
N LYS A 59 10.46 -2.08 -5.28
CA LYS A 59 9.43 -3.04 -5.67
C LYS A 59 9.79 -4.43 -5.14
N VAL A 60 11.06 -4.80 -5.17
CA VAL A 60 11.45 -6.10 -4.64
C VAL A 60 11.21 -6.17 -3.14
N GLN A 61 11.82 -5.28 -2.38
CA GLN A 61 11.51 -5.18 -0.97
C GLN A 61 10.00 -5.29 -0.66
N GLN A 62 9.18 -4.53 -1.39
CA GLN A 62 7.74 -4.55 -1.13
C GLN A 62 7.13 -5.96 -1.22
N GLU A 63 7.54 -6.74 -2.20
CA GLU A 63 6.98 -8.08 -2.31
C GLU A 63 7.56 -9.10 -1.32
N ALA A 64 8.79 -8.88 -0.85
CA ALA A 64 9.42 -9.84 0.05
C ALA A 64 8.93 -9.61 1.48
N ALA A 65 8.76 -8.34 1.82
CA ALA A 65 8.13 -7.98 3.08
C ALA A 65 6.69 -8.48 3.11
N ARG A 66 5.92 -8.16 2.07
CA ARG A 66 4.53 -8.61 1.99
C ARG A 66 4.38 -10.11 2.18
N ALA A 67 5.29 -10.85 1.57
CA ALA A 67 5.28 -12.31 1.65
C ALA A 67 5.46 -12.71 3.09
N LEU A 68 6.44 -12.09 3.74
CA LEU A 68 6.68 -12.39 5.12
C LEU A 68 5.42 -12.08 5.88
N ALA A 69 4.87 -10.90 5.62
CA ALA A 69 3.62 -10.49 6.24
C ALA A 69 2.58 -11.60 6.16
N ASN A 70 2.24 -12.01 4.95
CA ASN A 70 1.24 -13.05 4.72
C ASN A 70 1.55 -14.34 5.45
N ILE A 71 2.83 -14.72 5.47
CA ILE A 71 3.20 -15.91 6.22
C ILE A 71 2.96 -15.68 7.71
N ALA A 72 3.23 -14.47 8.20
CA ALA A 72 3.00 -14.21 9.64
C ALA A 72 1.51 -14.17 10.02
N SER A 73 0.62 -14.30 9.03
CA SER A 73 -0.79 -14.27 9.30
C SER A 73 -1.30 -15.69 9.59
N GLY A 74 -0.45 -16.68 9.29
CA GLY A 74 -0.75 -18.07 9.57
C GLY A 74 -0.61 -18.38 11.06
N ASN A 75 -0.37 -19.63 11.41
CA ASN A 75 -0.36 -19.99 12.83
C ASN A 75 0.93 -19.65 13.58
N ASP A 76 1.07 -20.23 14.75
CA ASP A 76 2.22 -19.93 15.59
C ASP A 76 3.49 -20.57 15.05
N GLU A 77 3.33 -21.62 14.26
CA GLU A 77 4.50 -22.25 13.72
C GLU A 77 5.18 -21.32 12.71
N ALA A 78 4.39 -20.77 11.79
CA ALA A 78 4.93 -19.83 10.81
C ALA A 78 5.60 -18.65 11.50
N ILE A 79 4.92 -18.04 12.45
CA ILE A 79 5.44 -16.87 13.15
C ILE A 79 6.76 -17.22 13.82
N LYS A 80 6.84 -18.40 14.44
CA LYS A 80 8.12 -18.81 15.05
C LYS A 80 9.23 -18.92 13.98
N GLN A 81 8.84 -19.42 12.80
CA GLN A 81 9.78 -19.67 11.71
C GLN A 81 10.28 -18.37 11.09
N VAL A 82 9.37 -17.40 11.03
CA VAL A 82 9.69 -16.12 10.43
C VAL A 82 10.71 -15.45 11.31
N ILE A 83 10.54 -15.59 12.62
CA ILE A 83 11.44 -14.99 13.60
C ILE A 83 12.83 -15.61 13.57
N ASP A 84 12.86 -16.94 13.57
CA ASP A 84 14.11 -17.68 13.54
C ASP A 84 14.90 -17.48 12.25
N ALA A 85 14.25 -16.89 11.24
CA ALA A 85 14.92 -16.59 9.98
C ALA A 85 15.37 -15.13 9.91
N GLY A 86 15.33 -14.46 11.06
CA GLY A 86 15.94 -13.15 11.21
C GLY A 86 15.21 -12.01 10.51
N ALA A 87 13.91 -12.16 10.32
CA ALA A 87 13.14 -11.15 9.62
C ALA A 87 13.13 -9.83 10.37
N LEU A 88 12.89 -9.90 11.66
CA LEU A 88 12.72 -8.68 12.46
C LEU A 88 13.88 -7.69 12.28
N GLU A 89 15.12 -8.18 12.31
CA GLU A 89 16.26 -7.29 12.11
C GLU A 89 16.13 -6.48 10.81
N LYS A 90 15.90 -7.17 9.70
CA LYS A 90 15.78 -6.52 8.42
C LYS A 90 14.48 -5.73 8.32
N LEU A 91 13.40 -6.28 8.87
CA LEU A 91 12.11 -5.62 8.77
C LEU A 91 12.13 -4.25 9.42
N VAL A 92 12.59 -4.20 10.66
CA VAL A 92 12.70 -2.92 11.35
C VAL A 92 13.63 -1.99 10.59
N GLU A 93 14.71 -2.53 10.04
CA GLU A 93 15.58 -1.75 9.16
C GLU A 93 14.78 -1.04 8.06
N LEU A 94 13.91 -1.78 7.34
CA LEU A 94 13.13 -1.20 6.24
C LEU A 94 12.25 -0.01 6.64
N LEU A 95 11.99 0.17 7.93
CA LEU A 95 11.11 1.24 8.39
C LEU A 95 11.75 2.62 8.30
N THR A 96 13.07 2.68 8.20
CA THR A 96 13.78 3.95 8.16
C THR A 96 14.02 4.53 6.73
N HIS A 97 13.89 3.70 5.70
CA HIS A 97 14.01 4.20 4.33
C HIS A 97 12.68 4.79 3.97
N ASP A 98 12.65 6.07 3.66
CA ASP A 98 11.39 6.71 3.30
C ASP A 98 10.85 6.23 1.95
N ASP A 99 10.05 5.19 2.05
CA ASP A 99 9.52 4.48 0.93
C ASP A 99 8.13 4.05 1.37
N SER A 100 7.11 4.75 0.89
CA SER A 100 5.74 4.53 1.32
C SER A 100 5.36 3.04 1.34
N LYS A 101 5.33 2.41 0.17
CA LYS A 101 4.85 1.05 0.09
C LYS A 101 5.74 0.06 0.85
N VAL A 102 7.01 0.40 1.05
CA VAL A 102 7.91 -0.52 1.74
C VAL A 102 7.78 -0.37 3.25
N GLN A 103 7.73 0.86 3.73
CA GLN A 103 7.41 1.05 5.15
C GLN A 103 6.07 0.37 5.49
N GLN A 104 5.11 0.49 4.58
CA GLN A 104 3.80 -0.10 4.78
C GLN A 104 3.82 -1.60 4.97
N GLU A 105 4.52 -2.34 4.10
CA GLU A 105 4.55 -3.80 4.21
C GLU A 105 5.35 -4.24 5.41
N ALA A 106 6.44 -3.54 5.68
CA ALA A 106 7.23 -3.80 6.87
C ALA A 106 6.38 -3.71 8.15
N ALA A 107 5.60 -2.63 8.26
CA ALA A 107 4.75 -2.48 9.41
C ALA A 107 3.78 -3.65 9.55
N ARG A 108 2.97 -3.89 8.52
CA ARG A 108 2.02 -5.00 8.57
C ARG A 108 2.73 -6.30 8.96
N ALA A 109 3.94 -6.47 8.44
CA ALA A 109 4.72 -7.65 8.76
C ALA A 109 4.95 -7.69 10.26
N LEU A 110 5.54 -6.64 10.83
CA LEU A 110 5.82 -6.63 12.26
C LEU A 110 4.52 -6.78 13.06
N ALA A 111 3.53 -5.99 12.67
CA ALA A 111 2.22 -6.07 13.26
C ALA A 111 1.73 -7.53 13.36
N ASN A 112 1.79 -8.24 12.24
CA ASN A 112 1.27 -9.60 12.23
C ASN A 112 2.07 -10.49 13.17
N ILE A 113 3.39 -10.40 13.10
CA ILE A 113 4.25 -11.14 13.99
C ILE A 113 3.84 -10.83 15.42
N ALA A 114 3.67 -9.54 15.68
CA ALA A 114 3.28 -9.08 17.00
C ALA A 114 1.90 -9.58 17.47
N SER A 115 1.13 -10.19 16.56
CA SER A 115 -0.17 -10.74 16.96
C SER A 115 -0.01 -12.14 17.52
N GLY A 116 1.16 -12.73 17.32
CA GLY A 116 1.48 -14.04 17.88
C GLY A 116 1.53 -14.05 19.40
N ASN A 117 2.20 -15.05 19.96
CA ASN A 117 2.18 -15.23 21.41
C ASN A 117 3.02 -14.19 22.13
N ASP A 118 3.37 -14.44 23.39
CA ASP A 118 4.21 -13.47 24.10
C ASP A 118 5.69 -13.62 23.73
N GLU A 119 6.12 -14.80 23.30
CA GLU A 119 7.50 -14.95 22.89
C GLU A 119 7.73 -14.12 21.62
N ALA A 120 6.80 -14.22 20.68
CA ALA A 120 6.86 -13.35 19.51
C ALA A 120 6.86 -11.87 19.90
N ILE A 121 6.03 -11.46 20.87
CA ILE A 121 5.94 -10.03 21.20
C ILE A 121 7.26 -9.49 21.77
N LYS A 122 7.92 -10.28 22.60
CA LYS A 122 9.19 -9.86 23.19
C LYS A 122 10.23 -9.62 22.09
N GLN A 123 10.37 -10.58 21.17
CA GLN A 123 11.35 -10.50 20.10
C GLN A 123 11.21 -9.21 19.27
N VAL A 124 9.99 -8.71 19.12
CA VAL A 124 9.73 -7.46 18.39
C VAL A 124 10.25 -6.24 19.11
N ILE A 125 10.00 -6.18 20.41
CA ILE A 125 10.46 -5.05 21.18
C ILE A 125 11.99 -5.07 21.27
N ASP A 126 12.57 -6.26 21.45
CA ASP A 126 14.03 -6.41 21.54
C ASP A 126 14.76 -6.08 20.23
N ALA A 127 14.03 -6.17 19.13
CA ALA A 127 14.60 -5.87 17.82
C ALA A 127 14.61 -4.37 17.53
N GLY A 128 14.23 -3.57 18.52
CA GLY A 128 14.20 -2.12 18.39
C GLY A 128 13.06 -1.60 17.54
N ALA A 129 12.02 -2.42 17.37
CA ALA A 129 10.91 -2.08 16.46
C ALA A 129 10.09 -0.90 16.96
N LEU A 130 9.99 -0.76 18.27
CA LEU A 130 9.17 0.29 18.86
C LEU A 130 9.57 1.69 18.44
N GLU A 131 10.83 2.03 18.65
CA GLU A 131 11.30 3.35 18.33
C GLU A 131 10.94 3.71 16.88
N LYS A 132 11.27 2.84 15.94
CA LYS A 132 11.03 3.12 14.51
C LYS A 132 9.54 3.25 14.19
N LEU A 133 8.74 2.35 14.77
CA LEU A 133 7.28 2.36 14.63
C LEU A 133 6.68 3.69 15.05
N VAL A 134 6.97 4.11 16.28
CA VAL A 134 6.47 5.38 16.78
C VAL A 134 6.80 6.52 15.83
N GLU A 135 8.03 6.53 15.35
CA GLU A 135 8.41 7.53 14.39
C GLU A 135 7.46 7.57 13.19
N LEU A 136 7.03 6.41 12.66
CA LEU A 136 6.19 6.43 11.44
C LEU A 136 4.82 7.09 11.68
N LEU A 137 4.44 7.23 12.95
CA LEU A 137 3.17 7.89 13.32
C LEU A 137 3.11 9.37 12.95
N THR A 138 4.26 9.97 12.67
CA THR A 138 4.29 11.41 12.38
C THR A 138 4.41 11.70 10.88
N HIS A 139 4.43 10.66 10.06
CA HIS A 139 4.53 10.86 8.60
C HIS A 139 3.17 11.23 8.06
N ASP A 140 3.17 11.99 6.98
CA ASP A 140 1.95 12.43 6.34
C ASP A 140 1.63 11.41 5.26
N ASP A 141 1.16 10.27 5.74
CA ASP A 141 0.92 9.09 4.94
C ASP A 141 -0.10 8.25 5.69
N SER A 142 -1.36 8.45 5.34
CA SER A 142 -2.45 7.74 5.98
C SER A 142 -2.22 6.21 6.03
N LYS A 143 -1.68 5.63 4.97
CA LYS A 143 -1.53 4.18 4.95
C LYS A 143 -0.50 3.73 5.98
N VAL A 144 0.64 4.43 6.01
CA VAL A 144 1.69 4.12 6.96
C VAL A 144 1.27 4.28 8.42
N GLN A 145 0.50 5.33 8.71
CA GLN A 145 0.06 5.62 10.08
C GLN A 145 -0.79 4.46 10.56
N GLN A 146 -1.65 3.98 9.68
CA GLN A 146 -2.52 2.87 10.03
C GLN A 146 -1.75 1.60 10.39
N GLU A 147 -0.84 1.17 9.54
CA GLU A 147 -0.13 -0.06 9.83
C GLU A 147 0.76 0.09 11.08
N ALA A 148 1.34 1.26 11.29
CA ALA A 148 2.21 1.46 12.45
C ALA A 148 1.41 1.41 13.75
N ALA A 149 0.37 2.23 13.83
CA ALA A 149 -0.63 2.11 14.89
C ALA A 149 -1.09 0.66 15.11
N ARG A 150 -1.40 -0.03 14.01
CA ARG A 150 -1.91 -1.38 14.12
C ARG A 150 -0.91 -2.28 14.82
N ALA A 151 0.37 -2.13 14.50
CA ALA A 151 1.40 -2.89 15.17
C ALA A 151 1.40 -2.60 16.67
N LEU A 152 1.50 -1.33 17.04
CA LEU A 152 1.60 -0.91 18.44
C LEU A 152 0.43 -1.44 19.24
N ALA A 153 -0.77 -1.26 18.72
CA ALA A 153 -1.96 -1.87 19.31
C ALA A 153 -1.74 -3.35 19.66
N ASN A 154 -1.37 -4.16 18.66
CA ASN A 154 -1.07 -5.56 18.93
C ASN A 154 -0.07 -5.68 20.07
N ILE A 155 1.00 -4.88 20.01
CA ILE A 155 2.06 -4.93 21.01
C ILE A 155 1.58 -4.46 22.38
N ALA A 156 0.74 -3.43 22.37
CA ALA A 156 0.15 -2.92 23.60
C ALA A 156 -0.94 -3.88 24.15
N SER A 157 -1.11 -5.03 23.50
CA SER A 157 -2.07 -6.04 23.95
C SER A 157 -1.34 -7.14 24.69
N GLY A 158 -0.09 -6.88 25.08
CA GLY A 158 0.71 -7.86 25.79
C GLY A 158 0.75 -7.53 27.27
N ASN A 159 1.81 -7.96 27.95
CA ASN A 159 1.87 -7.81 29.39
C ASN A 159 2.23 -6.39 29.82
N ASP A 160 2.42 -6.19 31.12
CA ASP A 160 2.80 -4.87 31.66
C ASP A 160 4.13 -4.40 31.07
N GLU A 161 5.09 -5.32 30.98
CA GLU A 161 6.42 -4.99 30.52
C GLU A 161 6.39 -4.48 29.09
N ALA A 162 5.45 -5.01 28.30
CA ALA A 162 5.21 -4.52 26.94
C ALA A 162 4.55 -3.13 26.92
N ILE A 163 3.46 -2.97 27.67
CA ILE A 163 2.73 -1.70 27.72
C ILE A 163 3.71 -0.60 28.14
N LYS A 164 4.57 -0.92 29.11
CA LYS A 164 5.48 0.07 29.65
C LYS A 164 6.46 0.55 28.58
N GLN A 165 6.97 -0.39 27.77
CA GLN A 165 7.84 -0.05 26.63
C GLN A 165 7.18 0.89 25.61
N VAL A 166 5.93 0.60 25.28
CA VAL A 166 5.14 1.45 24.39
C VAL A 166 5.02 2.88 24.91
N ILE A 167 4.78 3.04 26.20
CA ILE A 167 4.74 4.38 26.79
C ILE A 167 6.10 5.10 26.73
N ASP A 168 7.15 4.32 27.04
CA ASP A 168 8.53 4.80 27.12
C ASP A 168 9.07 5.24 25.78
N ALA A 169 8.55 4.62 24.73
CA ALA A 169 8.93 4.98 23.38
C ALA A 169 8.25 6.26 22.96
N GLY A 170 7.32 6.72 23.78
CA GLY A 170 6.67 7.99 23.54
C GLY A 170 5.52 7.87 22.55
N ALA A 171 4.93 6.68 22.49
CA ALA A 171 3.74 6.44 21.69
C ALA A 171 2.60 7.38 22.02
N LEU A 172 2.36 7.56 23.31
CA LEU A 172 1.05 8.06 23.75
C LEU A 172 0.62 9.31 23.03
N GLU A 173 1.49 10.31 22.95
CA GLU A 173 1.04 11.60 22.49
C GLU A 173 0.99 11.61 20.97
N LYS A 174 1.85 10.85 20.28
CA LYS A 174 1.66 10.66 18.86
C LYS A 174 0.32 10.01 18.52
N LEU A 175 -0.01 8.96 19.27
CA LEU A 175 -1.24 8.21 19.09
C LEU A 175 -2.46 9.09 19.23
N VAL A 176 -2.44 10.01 20.19
CA VAL A 176 -3.60 10.84 20.43
C VAL A 176 -3.82 11.81 19.26
N GLU A 177 -2.73 12.33 18.69
CA GLU A 177 -2.88 13.26 17.59
C GLU A 177 -3.42 12.54 16.38
N LEU A 178 -3.23 11.22 16.36
CA LEU A 178 -3.88 10.40 15.35
C LEU A 178 -5.41 10.49 15.44
N LEU A 179 -5.96 10.59 16.65
CA LEU A 179 -7.41 10.56 16.82
C LEU A 179 -8.10 11.72 16.12
N THR A 180 -7.31 12.75 15.83
CA THR A 180 -7.82 13.94 15.20
C THR A 180 -7.68 13.84 13.68
N HIS A 181 -7.18 12.73 13.16
CA HIS A 181 -6.93 12.62 11.71
C HIS A 181 -8.18 12.12 10.99
N ASP A 182 -8.55 12.75 9.88
CA ASP A 182 -9.81 12.44 9.22
C ASP A 182 -9.73 11.20 8.33
N ASP A 183 -8.98 10.19 8.78
CA ASP A 183 -8.98 8.90 8.11
C ASP A 183 -9.47 7.83 9.07
N SER A 184 -10.64 7.29 8.74
CA SER A 184 -11.34 6.30 9.56
C SER A 184 -10.43 5.22 10.15
N LYS A 185 -9.72 4.51 9.28
CA LYS A 185 -8.90 3.39 9.72
C LYS A 185 -7.83 3.79 10.73
N VAL A 186 -7.17 4.90 10.48
CA VAL A 186 -6.14 5.40 11.38
C VAL A 186 -6.67 5.59 12.79
N GLN A 187 -7.77 6.32 12.88
CA GLN A 187 -8.45 6.56 14.15
C GLN A 187 -8.77 5.23 14.84
N GLN A 188 -9.54 4.38 14.17
CA GLN A 188 -9.71 2.95 14.51
C GLN A 188 -8.51 2.26 15.12
N GLU A 189 -7.32 2.49 14.59
CA GLU A 189 -6.20 1.75 15.14
C GLU A 189 -5.62 2.51 16.31
N ALA A 190 -5.43 3.82 16.19
CA ALA A 190 -4.96 4.63 17.31
C ALA A 190 -5.79 4.38 18.57
N ALA A 191 -7.11 4.47 18.40
CA ALA A 191 -8.00 4.31 19.54
C ALA A 191 -7.81 2.92 20.13
N ARG A 192 -7.61 1.94 19.25
CA ARG A 192 -7.42 0.57 19.72
C ARG A 192 -6.18 0.47 20.56
N ALA A 193 -5.07 0.98 20.03
CA ALA A 193 -3.82 1.04 20.76
C ALA A 193 -4.02 1.64 22.16
N LEU A 194 -4.58 2.84 22.20
CA LEU A 194 -4.90 3.52 23.45
C LEU A 194 -5.71 2.61 24.38
N ALA A 195 -6.83 2.10 23.89
CA ALA A 195 -7.64 1.17 24.68
C ALA A 195 -6.83 0.05 25.32
N ASN A 196 -5.89 -0.54 24.58
CA ASN A 196 -5.02 -1.57 25.13
C ASN A 196 -4.09 -1.04 26.23
N ILE A 197 -3.36 0.02 25.92
CA ILE A 197 -2.49 0.65 26.89
C ILE A 197 -3.27 0.96 28.16
N ALA A 198 -4.54 1.30 28.01
CA ALA A 198 -5.33 1.66 29.18
C ALA A 198 -5.96 0.45 29.84
N SER A 199 -5.39 -0.73 29.59
CA SER A 199 -5.80 -1.95 30.27
C SER A 199 -4.69 -2.41 31.19
N GLY A 200 -3.78 -1.49 31.49
CA GLY A 200 -2.66 -1.78 32.36
C GLY A 200 -3.03 -1.23 33.72
N ASN A 201 -2.02 -0.98 34.55
CA ASN A 201 -2.24 -0.47 35.89
C ASN A 201 -2.30 1.06 35.94
N THR A 202 -2.65 1.58 37.12
CA THR A 202 -2.91 2.99 37.34
C THR A 202 -1.85 3.91 36.70
N SER A 203 -0.59 3.50 36.83
CA SER A 203 0.51 4.19 36.16
C SER A 203 0.22 4.32 34.65
N ALA A 204 -0.13 3.19 34.03
CA ALA A 204 -0.41 3.18 32.61
C ALA A 204 -1.66 3.98 32.27
N ILE A 205 -2.76 3.78 33.01
CA ILE A 205 -3.98 4.55 32.77
C ILE A 205 -3.73 6.06 32.93
N LYS A 206 -2.89 6.43 33.90
CA LYS A 206 -2.67 7.85 34.15
C LYS A 206 -2.04 8.55 32.98
N GLN A 207 -0.96 7.98 32.45
CA GLN A 207 -0.22 8.62 31.37
C GLN A 207 -1.05 8.76 30.09
N VAL A 208 -2.15 8.01 30.01
CA VAL A 208 -3.09 8.17 28.90
C VAL A 208 -3.87 9.49 29.00
N ILE A 209 -4.48 9.73 30.16
CA ILE A 209 -5.31 10.93 30.35
C ILE A 209 -4.47 12.19 30.34
N ASP A 210 -3.25 12.09 30.87
CA ASP A 210 -2.32 13.21 30.84
C ASP A 210 -2.01 13.55 29.39
N ALA A 211 -1.93 12.53 28.54
CA ALA A 211 -1.70 12.75 27.12
C ALA A 211 -2.95 13.26 26.41
N GLY A 212 -3.93 13.74 27.17
CA GLY A 212 -5.14 14.34 26.63
C GLY A 212 -6.00 13.41 25.82
N ALA A 213 -5.93 12.11 26.11
CA ALA A 213 -6.68 11.13 25.32
C ALA A 213 -8.18 11.24 25.48
N LEU A 214 -8.61 11.68 26.66
CA LEU A 214 -10.02 11.59 27.02
C LEU A 214 -10.95 12.36 26.08
N GLU A 215 -10.67 13.64 25.88
CA GLU A 215 -11.58 14.52 25.15
C GLU A 215 -11.67 14.16 23.68
N LYS A 216 -10.53 13.77 23.11
CA LYS A 216 -10.50 13.33 21.73
C LYS A 216 -11.27 12.03 21.56
N LEU A 217 -11.09 11.12 22.50
CA LEU A 217 -11.80 9.85 22.47
C LEU A 217 -13.31 10.06 22.56
N GLN A 218 -13.74 10.96 23.44
CA GLN A 218 -15.16 11.30 23.56
C GLN A 218 -15.66 12.06 22.33
N GLU A 219 -14.73 12.68 21.62
CA GLU A 219 -15.06 13.34 20.37
C GLU A 219 -15.38 12.32 19.27
N LEU A 220 -14.59 11.25 19.23
CA LEU A 220 -14.81 10.21 18.23
C LEU A 220 -16.13 9.52 18.44
N LEU A 221 -16.65 9.56 19.66
CA LEU A 221 -17.89 8.85 19.97
C LEU A 221 -19.09 9.49 19.29
N THR A 222 -18.89 10.72 18.82
CA THR A 222 -19.93 11.44 18.08
C THR A 222 -19.72 11.39 16.54
N HIS A 223 -18.69 10.70 16.08
CA HIS A 223 -18.48 10.55 14.64
C HIS A 223 -19.41 9.47 14.11
N ASP A 224 -19.68 9.51 12.80
CA ASP A 224 -20.60 8.54 12.20
C ASP A 224 -19.85 7.39 11.50
N ASP A 225 -19.26 6.53 12.32
CA ASP A 225 -18.58 5.32 11.85
C ASP A 225 -18.50 4.30 12.98
N SER A 226 -19.48 3.39 12.98
CA SER A 226 -19.58 2.32 13.96
C SER A 226 -18.24 1.82 14.49
N LYS A 227 -17.46 1.22 13.59
CA LYS A 227 -16.18 0.66 13.97
C LYS A 227 -15.29 1.61 14.82
N VAL A 228 -15.32 2.91 14.52
CA VAL A 228 -14.51 3.86 15.28
C VAL A 228 -15.08 4.07 16.67
N GLN A 229 -16.40 4.26 16.68
CA GLN A 229 -17.17 4.44 17.89
C GLN A 229 -16.85 3.32 18.85
N GLN A 230 -16.89 2.09 18.34
CA GLN A 230 -16.62 0.92 19.17
C GLN A 230 -15.27 1.02 19.83
N GLU A 231 -14.26 1.36 19.04
CA GLU A 231 -12.92 1.42 19.59
C GLU A 231 -12.77 2.56 20.57
N ALA A 232 -13.40 3.70 20.25
CA ALA A 232 -13.40 4.81 21.18
C ALA A 232 -14.10 4.41 22.49
N GLN A 233 -15.33 3.88 22.40
CA GLN A 233 -16.09 3.52 23.59
C GLN A 233 -15.33 2.52 24.43
N ARG A 234 -14.89 1.44 23.80
CA ARG A 234 -14.08 0.43 24.47
C ARG A 234 -12.89 1.10 25.16
N ALA A 235 -12.34 2.12 24.53
CA ALA A 235 -11.23 2.80 25.14
C ALA A 235 -11.68 3.61 26.37
N LEU A 236 -12.67 4.48 26.19
CA LEU A 236 -13.17 5.30 27.28
C LEU A 236 -13.50 4.43 28.46
N GLU A 237 -13.93 3.21 28.18
CA GLU A 237 -14.24 2.31 29.28
C GLU A 237 -13.01 1.81 30.05
N ASN A 238 -11.89 1.41 29.44
CA ASN A 238 -10.88 0.86 30.34
C ASN A 238 -10.22 2.05 31.03
N ILE A 239 -10.33 3.23 30.43
CA ILE A 239 -9.90 4.42 31.15
C ILE A 239 -10.78 4.69 32.36
N LYS A 240 -12.09 4.51 32.15
CA LYS A 240 -13.08 4.84 33.16
C LYS A 240 -12.93 4.02 34.43
N SER A 241 -12.87 2.69 34.31
CA SER A 241 -12.81 1.92 35.52
C SER A 241 -11.30 1.86 35.85
N GLY A 242 -10.87 2.88 36.58
CA GLY A 242 -9.52 2.99 37.11
C GLY A 242 -9.49 3.98 38.27
N MET B 1 29.67 14.21 -21.06
CA MET B 1 28.46 13.47 -20.79
C MET B 1 28.74 11.99 -20.56
N ASN B 2 28.11 11.43 -19.54
CA ASN B 2 28.15 9.99 -19.34
C ASN B 2 26.97 9.35 -20.07
N ASP B 3 26.97 8.02 -20.11
CA ASP B 3 26.06 7.27 -20.98
C ASP B 3 24.58 7.63 -20.84
N LEU B 4 24.14 7.94 -19.62
CA LEU B 4 22.73 8.26 -19.39
C LEU B 4 22.32 9.64 -19.91
N GLU B 5 23.21 10.62 -19.75
CA GLU B 5 22.93 11.98 -20.22
C GLU B 5 22.97 12.04 -21.75
N LYS B 6 23.68 11.07 -22.33
CA LYS B 6 23.75 10.90 -23.76
C LYS B 6 22.44 10.33 -24.31
N LEU B 7 21.75 9.57 -23.47
CA LEU B 7 20.45 9.04 -23.87
C LEU B 7 19.44 10.16 -23.82
N VAL B 8 19.45 10.90 -22.72
CA VAL B 8 18.52 11.99 -22.53
C VAL B 8 18.78 13.03 -23.62
N GLU B 9 20.01 13.05 -24.12
CA GLU B 9 20.30 13.82 -25.31
C GLU B 9 19.30 13.42 -26.40
N LEU B 10 19.35 12.17 -26.85
CA LEU B 10 18.49 11.65 -27.92
C LEU B 10 16.99 12.03 -27.81
N LEU B 11 16.49 12.27 -26.61
CA LEU B 11 15.07 12.58 -26.43
C LEU B 11 14.71 13.94 -27.03
N THR B 12 15.75 14.67 -27.42
CA THR B 12 15.68 16.03 -27.96
C THR B 12 15.41 16.09 -29.47
N HIS B 13 16.07 15.21 -30.23
CA HIS B 13 15.91 15.14 -31.67
C HIS B 13 14.47 14.81 -32.02
N ASP B 14 13.88 15.56 -32.96
CA ASP B 14 12.47 15.31 -33.31
C ASP B 14 12.40 14.17 -34.32
N ASP B 15 13.00 13.05 -33.96
CA ASP B 15 12.91 11.85 -34.76
C ASP B 15 12.10 10.82 -33.99
N SER B 16 10.92 10.53 -34.52
CA SER B 16 9.97 9.64 -33.89
C SER B 16 10.57 8.31 -33.45
N LYS B 17 11.32 7.66 -34.35
CA LYS B 17 11.99 6.40 -34.03
C LYS B 17 13.03 6.61 -32.92
N THR B 18 13.79 7.70 -33.03
CA THR B 18 14.89 8.00 -32.13
C THR B 18 14.42 8.36 -30.73
N GLN B 19 13.36 9.14 -30.64
CA GLN B 19 12.72 9.41 -29.35
C GLN B 19 12.21 8.11 -28.70
N GLN B 20 11.36 7.40 -29.43
CA GLN B 20 10.79 6.14 -28.97
C GLN B 20 11.84 5.19 -28.42
N GLU B 21 12.90 4.94 -29.17
CA GLU B 21 13.94 4.04 -28.67
C GLU B 21 14.58 4.60 -27.41
N ALA B 22 15.01 5.85 -27.43
CA ALA B 22 15.60 6.48 -26.26
C ALA B 22 14.66 6.39 -25.06
N ALA B 23 13.44 6.86 -25.22
CA ALA B 23 12.46 6.79 -24.14
C ALA B 23 12.29 5.36 -23.64
N ARG B 24 12.32 4.42 -24.57
CA ARG B 24 12.21 3.01 -24.22
C ARG B 24 13.41 2.51 -23.42
N ASP B 25 14.62 2.94 -23.79
CA ASP B 25 15.84 2.51 -23.09
C ASP B 25 15.84 3.03 -21.66
N LEU B 26 15.37 4.25 -21.48
CA LEU B 26 15.30 4.81 -20.15
C LEU B 26 14.38 3.92 -19.30
N ALA B 27 13.23 3.59 -19.86
CA ALA B 27 12.28 2.74 -19.18
C ALA B 27 12.92 1.46 -18.66
N GLU B 28 13.65 0.77 -19.54
CA GLU B 28 14.23 -0.52 -19.20
C GLU B 28 15.23 -0.33 -18.09
N ILE B 29 15.98 0.75 -18.19
CA ILE B 29 17.01 0.98 -17.20
C ILE B 29 16.36 1.22 -15.83
N ALA B 30 15.29 2.02 -15.79
CA ALA B 30 14.62 2.37 -14.53
C ALA B 30 13.76 1.26 -13.94
N SER B 31 13.56 0.17 -14.67
CA SER B 31 12.86 -0.98 -14.09
C SER B 31 13.85 -1.85 -13.30
N GLY B 32 14.94 -1.21 -12.89
CA GLY B 32 15.99 -1.84 -12.09
C GLY B 32 15.96 -1.27 -10.68
N ASN B 33 17.10 -1.28 -9.98
CA ASN B 33 17.06 -0.96 -8.54
C ASN B 33 17.12 0.53 -8.23
N ALA B 34 17.22 0.88 -6.94
CA ALA B 34 17.06 2.27 -6.54
C ALA B 34 18.18 3.14 -7.11
N SER B 35 19.32 2.51 -7.40
CA SER B 35 20.49 3.21 -7.92
C SER B 35 20.29 3.60 -9.38
N ALA B 36 19.94 2.61 -10.20
CA ALA B 36 19.57 2.87 -11.58
C ALA B 36 18.49 3.95 -11.66
N ILE B 37 17.48 3.90 -10.79
CA ILE B 37 16.45 4.91 -10.82
C ILE B 37 17.02 6.31 -10.50
N LYS B 38 17.76 6.44 -9.41
CA LYS B 38 18.32 7.72 -9.00
C LYS B 38 19.21 8.26 -10.13
N GLN B 39 20.00 7.38 -10.72
CA GLN B 39 20.88 7.79 -11.80
C GLN B 39 20.07 8.48 -12.88
N VAL B 40 19.06 7.78 -13.39
CA VAL B 40 18.20 8.32 -14.44
C VAL B 40 17.63 9.73 -14.13
N ILE B 41 17.13 9.92 -12.92
CA ILE B 41 16.60 11.23 -12.51
C ILE B 41 17.67 12.30 -12.58
N ASP B 42 18.86 11.97 -12.07
CA ASP B 42 19.93 12.96 -11.92
C ASP B 42 20.53 13.31 -13.27
N ALA B 43 20.20 12.53 -14.28
CA ALA B 43 20.60 12.83 -15.65
C ALA B 43 19.53 13.74 -16.26
N GLY B 44 18.61 14.18 -15.42
CA GLY B 44 17.57 15.09 -15.82
C GLY B 44 16.67 14.53 -16.90
N ALA B 45 16.31 13.25 -16.75
CA ALA B 45 15.47 12.61 -17.74
C ALA B 45 14.05 13.11 -17.61
N LEU B 46 13.64 13.43 -16.39
CA LEU B 46 12.25 13.77 -16.11
C LEU B 46 11.73 14.91 -16.97
N GLU B 47 12.51 15.97 -17.14
CA GLU B 47 12.09 17.13 -17.90
C GLU B 47 11.86 16.80 -19.37
N LYS B 48 12.80 16.08 -19.96
CA LYS B 48 12.67 15.73 -21.38
C LYS B 48 11.57 14.68 -21.55
N LEU B 49 11.40 13.82 -20.55
CA LEU B 49 10.39 12.78 -20.65
C LEU B 49 9.01 13.38 -20.60
N VAL B 50 8.79 14.26 -19.64
CA VAL B 50 7.51 14.92 -19.54
C VAL B 50 7.20 15.65 -20.84
N GLU B 51 8.25 16.13 -21.50
CA GLU B 51 8.07 16.87 -22.73
C GLU B 51 7.65 15.97 -23.90
N LEU B 52 8.22 14.77 -24.00
CA LEU B 52 7.78 13.83 -25.03
C LEU B 52 6.30 13.47 -24.87
N LEU B 53 5.72 13.72 -23.71
CA LEU B 53 4.33 13.35 -23.48
C LEU B 53 3.38 14.21 -24.29
N THR B 54 3.86 15.36 -24.79
CA THR B 54 2.97 16.32 -25.44
C THR B 54 3.12 16.31 -26.96
N HIS B 55 4.06 15.50 -27.45
CA HIS B 55 4.18 15.27 -28.89
C HIS B 55 3.16 14.22 -29.31
N ASP B 56 2.14 14.61 -30.09
CA ASP B 56 1.13 13.65 -30.54
C ASP B 56 1.71 12.55 -31.44
N ASP B 57 2.40 11.61 -30.81
CA ASP B 57 2.92 10.42 -31.46
C ASP B 57 2.66 9.25 -30.51
N SER B 58 1.47 8.66 -30.65
CA SER B 58 1.04 7.48 -29.90
C SER B 58 2.21 6.63 -29.42
N LYS B 59 2.99 6.20 -30.40
CA LYS B 59 4.09 5.29 -30.22
C LYS B 59 5.07 5.78 -29.16
N VAL B 60 5.23 7.10 -29.09
CA VAL B 60 6.22 7.74 -28.23
C VAL B 60 5.72 8.19 -26.85
N GLN B 61 4.53 8.76 -26.83
CA GLN B 61 3.81 9.04 -25.60
C GLN B 61 3.80 7.76 -24.76
N GLN B 62 3.54 6.62 -25.42
CA GLN B 62 3.57 5.35 -24.72
C GLN B 62 4.87 5.15 -23.99
N GLU B 63 5.96 4.98 -24.71
CA GLU B 63 7.21 4.59 -24.08
C GLU B 63 7.81 5.69 -23.17
N ALA B 64 7.18 6.86 -23.07
CA ALA B 64 7.63 7.86 -22.10
C ALA B 64 6.79 7.78 -20.85
N ALA B 65 5.48 7.79 -21.03
CA ALA B 65 4.57 7.57 -19.92
C ALA B 65 4.98 6.33 -19.15
N ARG B 66 5.47 5.31 -19.86
CA ARG B 66 5.95 4.08 -19.23
C ARG B 66 7.19 4.37 -18.39
N ALA B 67 8.14 5.07 -19.02
CA ALA B 67 9.33 5.52 -18.34
C ALA B 67 8.99 6.27 -17.05
N LEU B 68 8.09 7.25 -17.11
CA LEU B 68 7.69 7.98 -15.89
C LEU B 68 7.13 7.02 -14.87
N ALA B 69 6.33 6.08 -15.37
CA ALA B 69 5.72 5.08 -14.51
C ALA B 69 6.80 4.29 -13.79
N ASN B 70 7.77 3.78 -14.55
CA ASN B 70 8.86 3.03 -13.94
C ASN B 70 9.62 3.83 -12.88
N ILE B 71 9.83 5.13 -13.11
CA ILE B 71 10.56 5.93 -12.15
C ILE B 71 9.71 6.17 -10.93
N ALA B 72 8.39 6.19 -11.13
CA ALA B 72 7.43 6.40 -10.04
C ALA B 72 7.32 5.20 -9.07
N SER B 73 8.03 4.12 -9.39
CA SER B 73 8.02 2.92 -8.57
C SER B 73 9.16 2.93 -7.53
N GLY B 74 9.95 3.99 -7.55
CA GLY B 74 11.06 4.12 -6.61
C GLY B 74 10.55 4.61 -5.28
N ASN B 75 11.42 5.17 -4.45
CA ASN B 75 10.97 5.65 -3.17
C ASN B 75 10.19 6.95 -3.33
N ASP B 76 9.87 7.58 -2.20
CA ASP B 76 9.11 8.83 -2.20
C ASP B 76 9.86 10.01 -2.84
N GLU B 77 11.18 10.06 -2.71
CA GLU B 77 11.91 11.13 -3.35
C GLU B 77 11.73 11.01 -4.86
N ALA B 78 11.92 9.80 -5.38
CA ALA B 78 11.69 9.59 -6.80
C ALA B 78 10.31 10.11 -7.18
N ILE B 79 9.31 9.80 -6.36
CA ILE B 79 7.95 10.20 -6.69
C ILE B 79 7.74 11.71 -6.63
N LYS B 80 8.37 12.37 -5.65
CA LYS B 80 8.24 13.81 -5.52
C LYS B 80 8.82 14.49 -6.76
N GLN B 81 9.94 13.95 -7.25
CA GLN B 81 10.62 14.51 -8.42
C GLN B 81 9.74 14.37 -9.65
N VAL B 82 8.92 13.32 -9.69
CA VAL B 82 8.02 13.13 -10.81
C VAL B 82 6.93 14.20 -10.80
N ILE B 83 6.29 14.40 -9.65
CA ILE B 83 5.30 15.47 -9.49
C ILE B 83 5.95 16.85 -9.67
N ASP B 84 7.22 16.95 -9.36
CA ASP B 84 7.90 18.23 -9.44
C ASP B 84 8.35 18.58 -10.87
N ALA B 85 8.10 17.70 -11.82
CA ALA B 85 8.43 18.01 -13.21
C ALA B 85 7.15 18.18 -14.01
N GLY B 86 6.04 18.35 -13.31
CA GLY B 86 4.74 18.58 -13.93
C GLY B 86 4.21 17.37 -14.67
N ALA B 87 4.59 16.18 -14.21
CA ALA B 87 4.15 14.96 -14.87
C ALA B 87 2.65 14.86 -14.85
N LEU B 88 2.06 15.15 -13.68
CA LEU B 88 0.65 14.83 -13.45
C LEU B 88 -0.25 15.44 -14.49
N GLU B 89 -0.13 16.75 -14.65
CA GLU B 89 -0.89 17.47 -15.67
C GLU B 89 -0.87 16.74 -17.03
N LYS B 90 0.32 16.47 -17.57
CA LYS B 90 0.43 15.80 -18.88
C LYS B 90 -0.22 14.43 -18.90
N LEU B 91 0.02 13.63 -17.86
CA LEU B 91 -0.53 12.28 -17.82
C LEU B 91 -2.04 12.31 -17.78
N VAL B 92 -2.62 13.27 -17.07
CA VAL B 92 -4.07 13.33 -16.98
C VAL B 92 -4.68 13.69 -18.32
N GLU B 93 -4.04 14.58 -19.06
CA GLU B 93 -4.53 14.91 -20.40
C GLU B 93 -4.49 13.68 -21.27
N LEU B 94 -3.37 12.93 -21.21
CA LEU B 94 -3.24 11.73 -22.02
C LEU B 94 -4.45 10.80 -21.92
N LEU B 95 -5.02 10.64 -20.72
CA LEU B 95 -6.16 9.74 -20.53
C LEU B 95 -7.32 9.97 -21.51
N THR B 96 -7.47 11.21 -21.98
CA THR B 96 -8.57 11.51 -22.88
C THR B 96 -8.24 11.26 -24.35
N HIS B 97 -7.05 10.73 -24.63
CA HIS B 97 -6.65 10.40 -26.00
C HIS B 97 -7.26 9.07 -26.44
N ASP B 98 -7.73 9.00 -27.69
CA ASP B 98 -8.36 7.77 -28.24
C ASP B 98 -7.32 6.72 -28.64
N ASP B 99 -6.64 6.17 -27.65
CA ASP B 99 -5.54 5.22 -27.85
C ASP B 99 -5.41 4.38 -26.59
N SER B 100 -5.79 3.11 -26.70
CA SER B 100 -5.70 2.19 -25.57
C SER B 100 -4.34 2.24 -24.91
N LYS B 101 -3.30 1.86 -25.67
CA LYS B 101 -1.95 1.80 -25.12
C LYS B 101 -1.52 3.08 -24.37
N VAL B 102 -1.94 4.24 -24.88
CA VAL B 102 -1.66 5.49 -24.20
C VAL B 102 -2.36 5.57 -22.85
N GLN B 103 -3.65 5.26 -22.85
CA GLN B 103 -4.42 5.27 -21.63
C GLN B 103 -3.90 4.25 -20.63
N GLN B 104 -3.64 3.04 -21.11
CA GLN B 104 -2.91 2.03 -20.34
C GLN B 104 -1.74 2.65 -19.60
N GLU B 105 -0.74 3.03 -20.37
CA GLU B 105 0.48 3.58 -19.82
C GLU B 105 0.27 4.80 -18.95
N ALA B 106 -0.66 5.68 -19.31
CA ALA B 106 -0.80 6.90 -18.52
C ALA B 106 -1.44 6.55 -17.18
N ALA B 107 -2.57 5.86 -17.24
CA ALA B 107 -3.19 5.40 -16.03
C ALA B 107 -2.16 4.69 -15.15
N ARG B 108 -1.35 3.81 -15.74
CA ARG B 108 -0.34 3.09 -14.96
C ARG B 108 0.58 4.05 -14.22
N ALA B 109 1.10 5.04 -14.93
CA ALA B 109 1.90 6.06 -14.31
C ALA B 109 1.17 6.64 -13.08
N LEU B 110 -0.07 7.10 -13.25
CA LEU B 110 -0.79 7.73 -12.13
C LEU B 110 -0.95 6.73 -10.98
N ALA B 111 -1.31 5.51 -11.31
CA ALA B 111 -1.46 4.46 -10.31
C ALA B 111 -0.24 4.35 -9.37
N ASN B 112 0.95 4.19 -9.95
CA ASN B 112 2.18 4.13 -9.15
C ASN B 112 2.37 5.38 -8.31
N ILE B 113 2.20 6.55 -8.92
CA ILE B 113 2.29 7.81 -8.19
C ILE B 113 1.28 7.82 -7.04
N ALA B 114 0.08 7.33 -7.33
CA ALA B 114 -0.98 7.28 -6.33
C ALA B 114 -0.72 6.20 -5.26
N SER B 115 0.49 5.65 -5.25
CA SER B 115 0.92 4.67 -4.25
C SER B 115 1.98 5.24 -3.34
N GLY B 116 1.94 6.56 -3.13
CA GLY B 116 2.86 7.22 -2.20
C GLY B 116 2.11 7.88 -1.05
N ASN B 117 2.64 8.98 -0.52
CA ASN B 117 2.06 9.64 0.64
C ASN B 117 0.77 10.43 0.34
N ASP B 118 0.27 11.14 1.36
CA ASP B 118 -1.00 11.88 1.29
C ASP B 118 -0.91 13.00 0.28
N GLU B 119 0.23 13.68 0.26
CA GLU B 119 0.43 14.85 -0.59
C GLU B 119 0.44 14.40 -2.05
N ALA B 120 1.04 13.25 -2.30
CA ALA B 120 0.98 12.66 -3.62
C ALA B 120 -0.45 12.35 -4.04
N ILE B 121 -1.23 11.72 -3.16
CA ILE B 121 -2.61 11.40 -3.51
C ILE B 121 -3.41 12.68 -3.76
N LYS B 122 -3.12 13.72 -2.99
CA LYS B 122 -3.82 15.00 -3.18
C LYS B 122 -3.42 15.60 -4.52
N GLN B 123 -2.14 15.52 -4.84
CA GLN B 123 -1.67 16.10 -6.08
C GLN B 123 -2.41 15.48 -7.27
N VAL B 124 -2.57 14.15 -7.22
CA VAL B 124 -3.20 13.38 -8.30
C VAL B 124 -4.66 13.73 -8.43
N ILE B 125 -5.33 13.92 -7.30
CA ILE B 125 -6.73 14.35 -7.33
C ILE B 125 -6.86 15.75 -7.93
N ASP B 126 -6.00 16.65 -7.49
CA ASP B 126 -6.07 18.06 -7.87
C ASP B 126 -5.79 18.27 -9.37
N ALA B 127 -5.17 17.29 -10.00
CA ALA B 127 -4.91 17.37 -11.43
C ALA B 127 -6.14 16.91 -12.19
N GLY B 128 -7.21 16.67 -11.45
CA GLY B 128 -8.47 16.34 -12.07
C GLY B 128 -8.44 14.99 -12.76
N ALA B 129 -7.65 14.07 -12.18
CA ALA B 129 -7.55 12.69 -12.65
C ALA B 129 -8.84 11.88 -12.52
N LEU B 130 -9.64 12.16 -11.50
CA LEU B 130 -10.70 11.23 -11.17
C LEU B 130 -11.73 11.07 -12.29
N GLU B 131 -12.34 12.17 -12.70
CA GLU B 131 -13.28 12.16 -13.82
C GLU B 131 -12.81 11.26 -15.00
N LYS B 132 -11.55 11.43 -15.39
CA LYS B 132 -10.98 10.78 -16.56
C LYS B 132 -10.57 9.33 -16.31
N LEU B 133 -10.23 9.07 -15.05
CA LEU B 133 -9.88 7.73 -14.61
C LEU B 133 -11.09 6.86 -14.60
N VAL B 134 -12.17 7.38 -14.02
CA VAL B 134 -13.41 6.66 -13.96
C VAL B 134 -13.95 6.50 -15.37
N GLU B 135 -13.66 7.45 -16.23
CA GLU B 135 -14.10 7.31 -17.62
C GLU B 135 -13.43 6.12 -18.31
N LEU B 136 -12.16 5.88 -18.02
CA LEU B 136 -11.50 4.70 -18.58
C LEU B 136 -12.18 3.38 -18.25
N LEU B 137 -12.92 3.35 -17.14
CA LEU B 137 -13.51 2.08 -16.69
C LEU B 137 -14.57 1.59 -17.66
N THR B 138 -15.15 2.53 -18.41
CA THR B 138 -16.19 2.21 -19.36
C THR B 138 -15.64 1.67 -20.70
N HIS B 139 -14.38 1.99 -21.01
CA HIS B 139 -13.72 1.54 -22.25
C HIS B 139 -13.49 0.01 -22.30
N ASP B 140 -13.71 -0.60 -23.44
CA ASP B 140 -13.59 -2.05 -23.54
C ASP B 140 -12.19 -2.48 -23.97
N ASP B 141 -11.21 -2.09 -23.15
CA ASP B 141 -9.85 -2.58 -23.27
C ASP B 141 -9.50 -3.09 -21.89
N SER B 142 -9.15 -4.36 -21.81
CA SER B 142 -8.86 -4.96 -20.53
C SER B 142 -7.79 -4.17 -19.71
N LYS B 143 -6.58 -4.05 -20.25
CA LYS B 143 -5.49 -3.41 -19.50
C LYS B 143 -5.81 -2.00 -19.05
N VAL B 144 -6.64 -1.29 -19.80
CA VAL B 144 -7.00 0.08 -19.44
C VAL B 144 -7.85 0.04 -18.21
N GLN B 145 -8.88 -0.79 -18.26
CA GLN B 145 -9.78 -0.96 -17.14
C GLN B 145 -8.98 -1.31 -15.90
N GLN B 146 -8.12 -2.32 -16.02
CA GLN B 146 -7.28 -2.74 -14.90
C GLN B 146 -6.45 -1.58 -14.34
N GLU B 147 -5.73 -0.87 -15.21
CA GLU B 147 -4.88 0.22 -14.71
C GLU B 147 -5.69 1.34 -14.08
N ALA B 148 -6.74 1.79 -14.77
CA ALA B 148 -7.62 2.82 -14.22
C ALA B 148 -8.14 2.39 -12.86
N ALA B 149 -8.61 1.17 -12.79
CA ALA B 149 -9.09 0.62 -11.53
C ALA B 149 -8.00 0.67 -10.47
N ARG B 150 -6.78 0.30 -10.84
CA ARG B 150 -5.69 0.26 -9.87
C ARG B 150 -5.41 1.63 -9.26
N ALA B 151 -5.32 2.63 -10.14
CA ALA B 151 -5.18 4.02 -9.71
C ALA B 151 -6.28 4.38 -8.75
N LEU B 152 -7.53 4.06 -9.11
CA LEU B 152 -8.65 4.38 -8.24
C LEU B 152 -8.50 3.69 -6.89
N ALA B 153 -8.21 2.39 -6.92
CA ALA B 153 -8.10 1.66 -5.66
C ALA B 153 -7.02 2.30 -4.78
N ASN B 154 -5.90 2.70 -5.39
CA ASN B 154 -4.86 3.33 -4.59
C ASN B 154 -5.27 4.68 -4.03
N ILE B 155 -5.99 5.47 -4.83
CA ILE B 155 -6.50 6.74 -4.32
C ILE B 155 -7.49 6.49 -3.17
N ALA B 156 -8.27 5.44 -3.31
CA ALA B 156 -9.29 5.10 -2.32
C ALA B 156 -8.68 4.58 -1.04
N SER B 157 -7.35 4.50 -1.00
CA SER B 157 -6.66 3.97 0.16
C SER B 157 -6.10 5.05 1.09
N GLY B 158 -6.32 6.32 0.77
CA GLY B 158 -5.93 7.44 1.63
C GLY B 158 -7.01 7.88 2.61
N ASN B 159 -6.94 9.15 3.06
CA ASN B 159 -7.88 9.64 4.07
C ASN B 159 -9.30 9.82 3.57
N ASP B 160 -10.22 10.17 4.47
CA ASP B 160 -11.63 10.08 4.10
C ASP B 160 -12.06 11.09 3.07
N GLU B 161 -11.34 12.20 2.90
CA GLU B 161 -11.80 13.06 1.83
C GLU B 161 -11.15 12.66 0.52
N ALA B 162 -10.13 11.79 0.56
CA ALA B 162 -9.73 11.12 -0.67
C ALA B 162 -10.86 10.19 -1.12
N ILE B 163 -11.29 9.32 -0.21
CA ILE B 163 -12.38 8.39 -0.48
C ILE B 163 -13.62 9.15 -0.95
N LYS B 164 -13.90 10.28 -0.30
CA LYS B 164 -15.04 11.12 -0.65
C LYS B 164 -15.00 11.53 -2.12
N GLN B 165 -13.82 11.85 -2.62
CA GLN B 165 -13.62 12.28 -4.01
C GLN B 165 -13.99 11.17 -5.00
N VAL B 166 -13.57 9.95 -4.67
CA VAL B 166 -13.80 8.78 -5.50
C VAL B 166 -15.29 8.53 -5.68
N ILE B 167 -16.01 8.40 -4.57
CA ILE B 167 -17.45 8.12 -4.67
C ILE B 167 -18.18 9.27 -5.37
N ASP B 168 -17.84 10.50 -5.00
CA ASP B 168 -18.51 11.65 -5.58
C ASP B 168 -18.23 11.78 -7.09
N ALA B 169 -17.31 10.97 -7.60
CA ALA B 169 -17.00 10.96 -9.02
C ALA B 169 -17.66 9.77 -9.75
N GLY B 170 -18.66 9.16 -9.11
CA GLY B 170 -19.46 8.14 -9.76
C GLY B 170 -18.73 6.83 -10.00
N ALA B 171 -17.56 6.70 -9.38
CA ALA B 171 -16.74 5.50 -9.49
C ALA B 171 -17.47 4.21 -9.14
N LEU B 172 -18.40 4.27 -8.18
CA LEU B 172 -18.95 3.04 -7.63
C LEU B 172 -19.59 2.10 -8.66
N GLU B 173 -20.48 2.60 -9.50
CA GLU B 173 -21.24 1.70 -10.33
C GLU B 173 -20.38 1.11 -11.46
N LYS B 174 -19.51 1.92 -12.05
CA LYS B 174 -18.56 1.46 -13.05
C LYS B 174 -17.70 0.34 -12.46
N LEU B 175 -17.39 0.49 -11.17
CA LEU B 175 -16.55 -0.47 -10.47
C LEU B 175 -17.27 -1.78 -10.27
N VAL B 176 -18.51 -1.69 -9.81
CA VAL B 176 -19.27 -2.88 -9.49
C VAL B 176 -19.64 -3.58 -10.78
N GLU B 177 -19.83 -2.78 -11.82
CA GLU B 177 -20.00 -3.30 -13.17
C GLU B 177 -18.76 -4.06 -13.61
N LEU B 178 -17.59 -3.60 -13.17
CA LEU B 178 -16.38 -4.31 -13.52
C LEU B 178 -16.30 -5.66 -12.80
N LEU B 179 -17.00 -5.81 -11.68
CA LEU B 179 -17.00 -7.09 -10.99
C LEU B 179 -17.64 -8.21 -11.86
N THR B 180 -18.48 -7.83 -12.81
CA THR B 180 -19.18 -8.83 -13.59
C THR B 180 -18.39 -9.27 -14.85
N HIS B 181 -17.50 -8.41 -15.36
CA HIS B 181 -16.66 -8.77 -16.50
C HIS B 181 -15.72 -9.85 -16.03
N ASP B 182 -15.69 -11.00 -16.70
CA ASP B 182 -14.85 -12.09 -16.22
C ASP B 182 -13.45 -12.03 -16.82
N ASP B 183 -12.64 -11.15 -16.22
CA ASP B 183 -11.23 -10.98 -16.53
C ASP B 183 -10.50 -10.79 -15.19
N SER B 184 -9.97 -11.89 -14.65
CA SER B 184 -9.38 -11.92 -13.31
C SER B 184 -8.58 -10.69 -12.86
N LYS B 185 -7.81 -10.10 -13.75
CA LYS B 185 -6.97 -8.99 -13.33
C LYS B 185 -7.82 -7.76 -13.06
N VAL B 186 -8.81 -7.48 -13.91
CA VAL B 186 -9.71 -6.36 -13.64
C VAL B 186 -10.53 -6.55 -12.36
N GLN B 187 -11.17 -7.70 -12.21
CA GLN B 187 -12.01 -7.96 -11.05
C GLN B 187 -11.24 -7.71 -9.77
N GLN B 188 -10.00 -8.17 -9.79
CA GLN B 188 -9.09 -8.08 -8.67
C GLN B 188 -8.88 -6.63 -8.23
N GLU B 189 -8.89 -5.72 -9.20
CA GLU B 189 -8.71 -4.31 -8.88
C GLU B 189 -10.02 -3.65 -8.52
N ALA B 190 -11.10 -3.93 -9.24
CA ALA B 190 -12.38 -3.30 -8.87
C ALA B 190 -12.84 -3.78 -7.50
N ALA B 191 -12.46 -4.98 -7.09
CA ALA B 191 -12.80 -5.45 -5.76
C ALA B 191 -11.94 -4.77 -4.72
N ARG B 192 -10.64 -4.71 -4.98
CA ARG B 192 -9.73 -4.06 -4.03
C ARG B 192 -10.17 -2.62 -3.77
N ALA B 193 -10.62 -1.94 -4.83
CA ALA B 193 -11.13 -0.57 -4.69
C ALA B 193 -12.35 -0.54 -3.80
N LEU B 194 -13.34 -1.38 -4.15
CA LEU B 194 -14.54 -1.46 -3.35
C LEU B 194 -14.15 -1.69 -1.92
N ALA B 195 -13.25 -2.65 -1.68
CA ALA B 195 -12.76 -2.88 -0.33
C ALA B 195 -12.22 -1.60 0.38
N ASN B 196 -11.51 -0.74 -0.36
CA ASN B 196 -10.93 0.46 0.28
C ASN B 196 -11.95 1.55 0.51
N ILE B 197 -12.90 1.66 -0.41
CA ILE B 197 -13.95 2.64 -0.26
C ILE B 197 -14.87 2.22 0.88
N ALA B 198 -15.13 0.93 0.95
CA ALA B 198 -16.01 0.38 1.96
C ALA B 198 -15.33 0.24 3.32
N SER B 199 -14.29 1.03 3.56
CA SER B 199 -13.63 1.00 4.87
C SER B 199 -13.43 2.41 5.44
N GLY B 200 -14.20 3.38 4.92
CA GLY B 200 -14.24 4.73 5.44
C GLY B 200 -15.47 4.88 6.32
N ASN B 201 -16.04 6.09 6.37
CA ASN B 201 -17.16 6.34 7.30
C ASN B 201 -18.41 5.56 6.92
N THR B 202 -19.54 5.84 7.56
CA THR B 202 -20.74 5.07 7.27
C THR B 202 -21.43 5.61 6.02
N SER B 203 -21.19 6.87 5.66
CA SER B 203 -21.75 7.39 4.43
C SER B 203 -21.27 6.54 3.27
N ALA B 204 -19.96 6.27 3.22
CA ALA B 204 -19.38 5.45 2.17
C ALA B 204 -20.00 4.07 2.13
N ILE B 205 -19.80 3.32 3.20
CA ILE B 205 -20.27 1.93 3.28
C ILE B 205 -21.74 1.81 2.91
N LYS B 206 -22.46 2.91 3.03
CA LYS B 206 -23.85 2.91 2.59
C LYS B 206 -23.87 2.91 1.06
N GLN B 207 -23.15 3.85 0.44
CA GLN B 207 -23.29 4.06 -1.00
C GLN B 207 -22.72 2.89 -1.80
N VAL B 208 -21.76 2.19 -1.19
CA VAL B 208 -21.23 0.97 -1.76
C VAL B 208 -22.33 -0.06 -1.98
N ILE B 209 -23.18 -0.23 -0.98
CA ILE B 209 -24.27 -1.20 -1.06
C ILE B 209 -25.34 -0.71 -2.03
N ASP B 210 -25.61 0.58 -1.98
CA ASP B 210 -26.61 1.17 -2.85
C ASP B 210 -26.23 1.00 -4.32
N ALA B 211 -24.93 0.88 -4.57
CA ALA B 211 -24.44 0.66 -5.93
C ALA B 211 -24.51 -0.81 -6.33
N GLY B 212 -25.11 -1.62 -5.46
CA GLY B 212 -25.33 -3.01 -5.76
C GLY B 212 -24.09 -3.86 -5.58
N ALA B 213 -23.21 -3.43 -4.69
CA ALA B 213 -21.93 -4.12 -4.57
C ALA B 213 -22.07 -5.43 -3.80
N LEU B 214 -23.06 -5.48 -2.91
CA LEU B 214 -23.19 -6.63 -2.03
C LEU B 214 -23.44 -7.91 -2.82
N GLU B 215 -24.58 -7.95 -3.49
CA GLU B 215 -24.93 -9.06 -4.37
C GLU B 215 -23.78 -9.44 -5.33
N LYS B 216 -23.22 -8.43 -6.01
CA LYS B 216 -22.11 -8.62 -6.94
C LYS B 216 -20.83 -9.18 -6.32
N LEU B 217 -20.49 -8.70 -5.13
CA LEU B 217 -19.32 -9.16 -4.40
C LEU B 217 -19.49 -10.57 -3.89
N GLN B 218 -20.71 -10.94 -3.50
CA GLN B 218 -20.90 -12.23 -2.88
C GLN B 218 -20.78 -13.38 -3.89
N GLU B 219 -21.29 -13.20 -5.10
CA GLU B 219 -21.10 -14.22 -6.10
C GLU B 219 -19.61 -14.42 -6.47
N LEU B 220 -18.82 -13.37 -6.35
CA LEU B 220 -17.39 -13.47 -6.65
C LEU B 220 -16.60 -14.38 -5.72
N LEU B 221 -17.22 -14.81 -4.63
CA LEU B 221 -16.63 -15.80 -3.74
C LEU B 221 -16.87 -17.22 -4.27
N THR B 222 -18.11 -17.51 -4.67
CA THR B 222 -18.46 -18.86 -5.07
C THR B 222 -17.92 -19.24 -6.45
N HIS B 223 -17.57 -18.30 -7.32
CA HIS B 223 -16.81 -18.75 -8.50
C HIS B 223 -15.35 -18.81 -8.06
N ASP B 224 -14.59 -19.64 -8.75
CA ASP B 224 -13.24 -19.92 -8.30
C ASP B 224 -12.14 -19.11 -8.95
N ASP B 225 -11.21 -18.81 -8.06
CA ASP B 225 -9.95 -18.11 -8.27
C ASP B 225 -9.51 -17.96 -6.82
N SER B 226 -8.35 -17.38 -6.56
CA SER B 226 -7.97 -17.19 -5.16
C SER B 226 -7.77 -15.72 -4.89
N LYS B 227 -7.16 -15.03 -5.84
CA LYS B 227 -6.91 -13.60 -5.73
C LYS B 227 -8.22 -12.81 -5.69
N VAL B 228 -9.14 -13.12 -6.60
CA VAL B 228 -10.43 -12.43 -6.68
C VAL B 228 -11.27 -12.58 -5.43
N GLN B 229 -11.43 -13.84 -4.98
CA GLN B 229 -12.16 -14.11 -3.75
C GLN B 229 -11.64 -13.23 -2.61
N GLN B 230 -10.32 -13.18 -2.45
CA GLN B 230 -9.72 -12.52 -1.29
C GLN B 230 -10.01 -11.03 -1.18
N GLU B 231 -10.02 -10.31 -2.30
CA GLU B 231 -10.38 -8.91 -2.29
C GLU B 231 -11.89 -8.74 -2.05
N ALA B 232 -12.67 -9.65 -2.63
CA ALA B 232 -14.12 -9.70 -2.41
C ALA B 232 -14.44 -10.10 -0.98
N GLN B 233 -13.51 -10.81 -0.35
CA GLN B 233 -13.63 -11.24 1.03
C GLN B 233 -13.53 -10.01 1.95
N ARG B 234 -12.47 -9.23 1.74
CA ARG B 234 -12.23 -8.05 2.54
C ARG B 234 -13.31 -7.01 2.30
N ALA B 235 -13.65 -6.80 1.05
CA ALA B 235 -14.71 -5.87 0.71
C ALA B 235 -15.97 -6.21 1.49
N LEU B 236 -16.30 -7.50 1.56
CA LEU B 236 -17.50 -7.94 2.26
C LEU B 236 -17.45 -7.68 3.75
N GLU B 237 -16.34 -8.03 4.39
CA GLU B 237 -16.25 -7.91 5.83
C GLU B 237 -16.06 -6.47 6.29
N ASN B 238 -15.54 -5.61 5.40
CA ASN B 238 -15.57 -4.19 5.67
C ASN B 238 -17.00 -3.68 5.64
N ILE B 239 -17.73 -4.12 4.62
CA ILE B 239 -19.13 -3.73 4.46
C ILE B 239 -19.99 -4.29 5.60
N LYS B 240 -19.56 -5.38 6.23
CA LYS B 240 -20.41 -6.13 7.18
C LYS B 240 -20.53 -5.51 8.57
N SER B 241 -19.41 -5.45 9.29
CA SER B 241 -19.39 -4.82 10.60
C SER B 241 -19.11 -3.32 10.48
N GLY B 242 -19.41 -2.70 9.33
CA GLY B 242 -19.34 -1.25 9.22
C GLY B 242 -20.53 -0.44 9.75
#